data_8PL6
#
_entry.id   8PL6
#
_cell.length_a   144.960
_cell.length_b   103.150
_cell.length_c   62.190
_cell.angle_alpha   90.000
_cell.angle_beta   113.220
_cell.angle_gamma   90.000
#
_symmetry.space_group_name_H-M   'C 1 2 1'
#
loop_
_entity.id
_entity.type
_entity.pdbx_description
1 polymer 'Thioredoxin glutathione reductase'
2 non-polymer 'FLAVIN-ADENINE DINUCLEOTIDE'
3 non-polymer 'methyl (2~{S},4~{S})-1-(furan-2-ylcarbonyl)-4-oxidanyl-pyrrolidine-2-carboxylate'
4 water water
#
_entity_poly.entity_id   1
_entity_poly.type   'polypeptide(L)'
_entity_poly.pdbx_seq_one_letter_code
;GPPPADGTSQWLRKTVDSAAVILFSKTTCPYCKKVKDVLAEAKIKHATIELDQLSNGSAIQKCLASFSKIETVPQMFVRG
KFIGDSQTVLKYYSNDELAGIVNESKYDYDLIVIGGGSGGLAAGKEAAKYGAKTAVLDYVEPTPIGTTWGLGGTCVNVGC
IPKKLMHQAGLLSHALEDAEHFGWSLDRSKISHNWSTMVEGVQSHIGSLNWGYKVALRDNQVTYLNAKGRLISPHEVQIT
DKNQKVSTITGNKIILATGERPKYPEIPGAVEYGITSDDLFSLPYFPGKTLVIGASYVALECAGFLASLGGDVTVMVRSI
LLRGFDQQMAEKVGDYMENHGVKFAKLCVPDEIKQLKVVDTENNKPGLLLVKGHYTDGKKFEEEFETVIFAVGREPQLSK
VLCETVGVKLDKNGRVVCTDDEQTTVSNVYAIGDINAGKPQLTPVAIQAGRYLARRLFAGATELTDYSNVATTVFTPLEY
GACGLSEEDAIEKYGDKDIEVYHSNFKPLEWTVAHREDNVCYMKLVCRKSDNMRVLGLHVLGPNAGEITQGYAVAIKMGA
TKADFDRTIGIHPTCSETFTTLHVTKKSGVSPIVSGC
;
_entity_poly.pdbx_strand_id   A
#
# COMPACT_ATOMS: atom_id res chain seq x y z
N GLY A 7 -16.11 2.03 31.29
CA GLY A 7 -15.28 1.89 30.11
C GLY A 7 -13.82 1.66 30.46
N THR A 8 -13.37 2.29 31.55
CA THR A 8 -12.01 2.07 32.03
C THR A 8 -11.82 0.60 32.39
N SER A 9 -12.75 0.03 33.15
CA SER A 9 -12.66 -1.37 33.55
C SER A 9 -12.70 -2.30 32.34
N GLN A 10 -13.46 -1.95 31.30
CA GLN A 10 -13.54 -2.81 30.11
C GLN A 10 -12.27 -2.73 29.29
N TRP A 11 -11.66 -1.55 29.21
CA TRP A 11 -10.37 -1.40 28.55
C TRP A 11 -9.29 -2.19 29.29
N LEU A 12 -9.26 -2.07 30.62
CA LEU A 12 -8.20 -2.72 31.38
C LEU A 12 -8.24 -4.23 31.21
N ARG A 13 -9.44 -4.82 31.23
CA ARG A 13 -9.56 -6.26 31.05
C ARG A 13 -9.08 -6.68 29.67
N LYS A 14 -9.44 -5.91 28.63
CA LYS A 14 -9.02 -6.30 27.29
C LYS A 14 -7.51 -6.18 27.14
N THR A 15 -6.93 -5.14 27.75
CA THR A 15 -5.49 -4.92 27.69
C THR A 15 -4.72 -6.04 28.40
N VAL A 16 -5.15 -6.38 29.63
CA VAL A 16 -4.46 -7.41 30.41
C VAL A 16 -4.55 -8.77 29.71
N ASP A 17 -5.73 -9.10 29.16
CA ASP A 17 -5.94 -10.42 28.56
C ASP A 17 -5.03 -10.66 27.35
N SER A 18 -4.81 -9.63 26.51
CA SER A 18 -4.11 -9.87 25.24
C SER A 18 -2.64 -9.45 25.24
N ALA A 19 -2.20 -8.59 26.14
CA ALA A 19 -0.78 -8.24 26.19
C ALA A 19 0.08 -9.47 26.49
N ALA A 20 1.22 -9.58 25.82
CA ALA A 20 2.14 -10.68 26.10
C ALA A 20 2.91 -10.44 27.39
N VAL A 21 3.55 -9.28 27.53
CA VAL A 21 4.27 -8.87 28.74
C VAL A 21 4.01 -7.38 28.91
N ILE A 22 3.44 -6.98 30.06
CA ILE A 22 3.10 -5.58 30.26
C ILE A 22 3.36 -5.18 31.71
N LEU A 23 3.88 -3.96 31.89
CA LEU A 23 4.24 -3.39 33.19
C LEU A 23 3.42 -2.12 33.42
N PHE A 24 2.66 -2.08 34.51
CA PHE A 24 2.01 -0.85 34.93
C PHE A 24 2.92 -0.14 35.93
N SER A 25 3.10 1.17 35.73
CA SER A 25 4.22 1.89 36.31
C SER A 25 3.87 3.37 36.48
N LYS A 26 4.76 4.10 37.14
CA LYS A 26 4.76 5.55 37.19
C LYS A 26 6.18 6.05 36.94
N THR A 27 6.30 7.20 36.27
CA THR A 27 7.62 7.68 35.86
C THR A 27 8.47 8.11 37.06
N THR A 28 7.85 8.35 38.21
CA THR A 28 8.53 8.89 39.37
C THR A 28 8.84 7.83 40.43
N CYS A 29 8.55 6.55 40.16
CA CYS A 29 8.69 5.49 41.16
C CYS A 29 10.03 4.79 41.05
N PRO A 30 10.88 4.84 42.08
CA PRO A 30 12.15 4.11 42.02
C PRO A 30 11.98 2.60 42.01
N TYR A 31 10.86 2.07 42.53
CA TYR A 31 10.66 0.63 42.45
C TYR A 31 10.34 0.21 41.02
N CYS A 32 9.56 1.02 40.31
CA CYS A 32 9.30 0.77 38.89
C CYS A 32 10.59 0.81 38.09
N LYS A 33 11.43 1.82 38.37
CA LYS A 33 12.73 1.92 37.73
C LYS A 33 13.57 0.68 37.99
N LYS A 34 13.44 0.10 39.19
CA LYS A 34 14.22 -1.09 39.54
C LYS A 34 13.74 -2.30 38.74
N VAL A 35 12.42 -2.45 38.57
CA VAL A 35 11.91 -3.55 37.77
C VAL A 35 12.27 -3.36 36.30
N LYS A 36 12.17 -2.12 35.80
CA LYS A 36 12.55 -1.85 34.41
C LYS A 36 13.98 -2.32 34.14
N ASP A 37 14.91 -2.01 35.05
CA ASP A 37 16.32 -2.36 34.84
C ASP A 37 16.51 -3.86 34.78
N VAL A 38 15.88 -4.60 35.69
CA VAL A 38 15.98 -6.05 35.68
C VAL A 38 15.47 -6.62 34.36
N LEU A 39 14.32 -6.12 33.90
CA LEU A 39 13.76 -6.62 32.64
C LEU A 39 14.69 -6.30 31.47
N ALA A 40 15.20 -5.05 31.42
CA ALA A 40 16.15 -4.69 30.37
C ALA A 40 17.42 -5.54 30.44
N GLU A 41 17.93 -5.79 31.65
CA GLU A 41 19.14 -6.58 31.78
C GLU A 41 18.94 -8.01 31.29
N ALA A 42 17.77 -8.59 31.60
CA ALA A 42 17.46 -9.95 31.17
C ALA A 42 17.01 -10.04 29.72
N LYS A 43 16.98 -8.91 28.99
CA LYS A 43 16.55 -8.86 27.60
C LYS A 43 15.09 -9.32 27.45
N ILE A 44 14.24 -8.90 28.40
CA ILE A 44 12.81 -9.19 28.37
C ILE A 44 12.09 -7.94 27.85
N LYS A 45 11.55 -8.03 26.63
CA LYS A 45 10.81 -6.94 26.01
C LYS A 45 9.37 -6.91 26.52
N HIS A 46 8.83 -5.71 26.65
CA HIS A 46 7.50 -5.56 27.25
C HIS A 46 6.91 -4.21 26.88
N ALA A 47 5.58 -4.12 26.95
CA ALA A 47 4.89 -2.85 26.96
C ALA A 47 4.92 -2.25 28.37
N THR A 48 4.77 -0.93 28.43
CA THR A 48 4.75 -0.18 29.68
C THR A 48 3.67 0.87 29.62
N ILE A 49 2.87 0.97 30.68
CA ILE A 49 1.84 2.00 30.79
C ILE A 49 2.14 2.81 32.04
N GLU A 50 2.47 4.10 31.85
CA GLU A 50 2.79 5.01 32.93
C GLU A 50 1.50 5.67 33.41
N LEU A 51 1.00 5.25 34.57
CA LEU A 51 -0.31 5.71 35.03
C LEU A 51 -0.31 7.20 35.34
N ASP A 52 0.84 7.77 35.70
CA ASP A 52 0.88 9.19 36.02
C ASP A 52 0.77 10.10 34.80
N GLN A 53 0.78 9.55 33.58
CA GLN A 53 0.64 10.34 32.37
C GLN A 53 -0.70 10.15 31.68
N LEU A 54 -1.68 9.59 32.39
CA LEU A 54 -3.03 9.42 31.87
C LEU A 54 -4.00 10.05 32.84
N SER A 55 -4.91 10.88 32.33
CA SER A 55 -5.93 11.49 33.17
C SER A 55 -6.83 10.45 33.83
N ASN A 56 -6.81 9.21 33.33
CA ASN A 56 -7.60 8.10 33.83
C ASN A 56 -6.84 7.24 34.84
N GLY A 57 -5.68 7.70 35.30
CA GLY A 57 -4.74 6.80 35.97
C GLY A 57 -5.20 6.33 37.34
N SER A 58 -5.84 7.21 38.12
CA SER A 58 -6.30 6.82 39.44
C SER A 58 -7.34 5.72 39.35
N ALA A 59 -8.27 5.84 38.40
CA ALA A 59 -9.27 4.80 38.19
C ALA A 59 -8.63 3.49 37.72
N ILE A 60 -7.60 3.58 36.87
CA ILE A 60 -6.95 2.37 36.40
C ILE A 60 -6.25 1.66 37.56
N GLN A 61 -5.57 2.43 38.40
CA GLN A 61 -4.87 1.87 39.56
C GLN A 61 -5.84 1.09 40.45
N LYS A 62 -7.04 1.63 40.65
CA LYS A 62 -8.06 0.94 41.43
C LYS A 62 -8.53 -0.34 40.74
N CYS A 63 -8.70 -0.31 39.41
CA CYS A 63 -9.20 -1.48 38.69
C CYS A 63 -8.18 -2.62 38.66
N LEU A 64 -6.88 -2.32 38.71
CA LEU A 64 -5.89 -3.39 38.67
C LEU A 64 -6.09 -4.37 39.81
N ALA A 65 -6.56 -3.90 40.96
CA ALA A 65 -6.78 -4.78 42.11
C ALA A 65 -7.79 -5.88 41.80
N SER A 66 -8.62 -5.68 40.78
CA SER A 66 -9.53 -6.73 40.33
C SER A 66 -8.78 -7.94 39.76
N PHE A 67 -7.53 -7.76 39.32
CA PHE A 67 -6.71 -8.87 38.84
C PHE A 67 -5.67 -9.32 39.84
N SER A 68 -5.07 -8.38 40.57
CA SER A 68 -3.91 -8.66 41.39
C SER A 68 -4.18 -8.58 42.89
N LYS A 69 -5.32 -8.01 43.29
CA LYS A 69 -5.68 -7.70 44.68
C LYS A 69 -4.77 -6.65 45.30
N ILE A 70 -3.98 -5.92 44.51
CA ILE A 70 -3.22 -4.80 45.02
C ILE A 70 -3.49 -3.57 44.15
N GLU A 71 -3.21 -2.39 44.72
CA GLU A 71 -3.49 -1.11 44.10
C GLU A 71 -2.24 -0.29 43.83
N THR A 72 -1.06 -0.82 44.11
CA THR A 72 0.18 -0.06 44.00
C THR A 72 0.86 -0.34 42.65
N VAL A 73 1.93 0.42 42.38
CA VAL A 73 2.78 0.17 41.22
C VAL A 73 4.18 -0.17 41.72
N PRO A 74 4.96 -1.00 41.01
CA PRO A 74 4.67 -1.61 39.69
C PRO A 74 3.82 -2.87 39.78
N GLN A 75 3.18 -3.24 38.68
CA GLN A 75 2.47 -4.52 38.57
C GLN A 75 2.85 -5.09 37.22
N MET A 76 3.37 -6.32 37.21
CA MET A 76 3.82 -6.94 35.97
C MET A 76 2.92 -8.13 35.66
N PHE A 77 2.47 -8.23 34.40
CA PHE A 77 1.58 -9.27 33.91
C PHE A 77 2.22 -9.98 32.72
N VAL A 78 1.95 -11.28 32.59
CA VAL A 78 2.38 -12.09 31.45
C VAL A 78 1.16 -12.87 30.98
N ARG A 79 0.69 -12.55 29.77
CA ARG A 79 -0.38 -13.30 29.09
C ARG A 79 -1.63 -13.45 29.96
N GLY A 80 -2.02 -12.34 30.59
CA GLY A 80 -3.26 -12.28 31.35
C GLY A 80 -3.13 -12.65 32.82
N LYS A 81 -1.94 -13.02 33.28
CA LYS A 81 -1.71 -13.49 34.64
C LYS A 81 -0.86 -12.48 35.39
N PHE A 82 -1.31 -12.08 36.58
CA PHE A 82 -0.49 -11.19 37.41
C PHE A 82 0.71 -11.96 37.93
N ILE A 83 1.89 -11.37 37.75
CA ILE A 83 3.16 -12.03 38.09
C ILE A 83 3.69 -11.55 39.43
N GLY A 84 3.65 -10.26 39.70
CA GLY A 84 4.16 -9.78 40.98
C GLY A 84 4.42 -8.30 40.99
N ASP A 85 4.71 -7.81 42.21
CA ASP A 85 5.17 -6.45 42.45
C ASP A 85 6.70 -6.45 42.43
N SER A 86 7.32 -5.41 42.98
CA SER A 86 8.79 -5.30 42.97
C SER A 86 9.46 -6.50 43.63
N GLN A 87 9.15 -6.73 44.92
CA GLN A 87 9.84 -7.81 45.65
C GLN A 87 9.72 -9.15 44.93
N THR A 88 8.53 -9.47 44.41
CA THR A 88 8.31 -10.77 43.78
C THR A 88 9.06 -10.91 42.46
N VAL A 89 9.07 -9.87 41.62
CA VAL A 89 9.80 -9.99 40.36
C VAL A 89 11.28 -10.21 40.62
N LEU A 90 11.86 -9.45 41.56
CA LEU A 90 13.28 -9.64 41.89
C LEU A 90 13.56 -11.00 42.51
N LYS A 91 12.60 -11.55 43.26
CA LYS A 91 12.74 -12.92 43.76
C LYS A 91 12.87 -13.92 42.61
N TYR A 92 11.97 -13.83 41.63
CA TYR A 92 12.07 -14.72 40.47
C TYR A 92 13.39 -14.54 39.73
N TYR A 93 13.83 -13.29 39.56
CA TYR A 93 15.14 -13.02 38.97
C TYR A 93 16.26 -13.73 39.73
N SER A 94 16.36 -13.43 41.03
CA SER A 94 17.46 -13.94 41.84
C SER A 94 17.51 -15.46 41.84
N ASN A 95 16.35 -16.12 41.80
CA ASN A 95 16.28 -17.57 41.79
C ASN A 95 16.31 -18.15 40.37
N ASP A 96 16.59 -17.33 39.37
CA ASP A 96 16.64 -17.76 37.96
C ASP A 96 15.36 -18.47 37.53
N GLU A 97 14.23 -17.95 38.00
CA GLU A 97 12.92 -18.44 37.59
C GLU A 97 12.21 -17.51 36.62
N LEU A 98 12.70 -16.29 36.41
CA LEU A 98 11.95 -15.29 35.65
C LEU A 98 11.85 -15.64 34.17
N ALA A 99 12.92 -16.18 33.59
CA ALA A 99 12.90 -16.44 32.15
C ALA A 99 11.84 -17.47 31.78
N GLY A 100 11.66 -18.49 32.63
CA GLY A 100 10.65 -19.50 32.35
C GLY A 100 9.23 -18.99 32.54
N ILE A 101 9.04 -18.07 33.49
CA ILE A 101 7.73 -17.49 33.73
C ILE A 101 7.27 -16.67 32.53
N VAL A 102 8.15 -15.83 31.97
CA VAL A 102 7.73 -14.96 30.87
C VAL A 102 7.67 -15.65 29.53
N ASN A 103 8.19 -16.87 29.42
CA ASN A 103 8.07 -17.65 28.19
C ASN A 103 6.93 -18.67 28.26
N GLU A 104 6.24 -18.76 29.39
CA GLU A 104 5.13 -19.69 29.57
C GLU A 104 3.94 -19.29 28.69
N SER A 105 3.50 -20.19 27.82
CA SER A 105 2.37 -19.92 26.93
C SER A 105 1.63 -21.20 26.56
N LYS A 106 0.32 -21.06 26.35
CA LYS A 106 -0.50 -22.13 25.79
C LYS A 106 -0.19 -22.40 24.32
N TYR A 107 0.37 -21.41 23.61
CA TYR A 107 0.60 -21.50 22.17
C TYR A 107 2.09 -21.37 21.88
N ASP A 108 2.49 -21.78 20.66
CA ASP A 108 3.86 -21.57 20.23
C ASP A 108 4.19 -20.09 20.12
N TYR A 109 3.25 -19.29 19.60
CA TYR A 109 3.44 -17.88 19.32
C TYR A 109 2.30 -17.02 19.87
N ASP A 110 2.64 -15.83 20.35
CA ASP A 110 1.64 -14.81 20.66
C ASP A 110 0.93 -14.32 19.40
N LEU A 111 1.66 -14.27 18.28
CA LEU A 111 1.18 -13.75 16.99
C LEU A 111 1.74 -14.57 15.84
N ILE A 112 0.86 -15.05 14.95
CA ILE A 112 1.30 -15.56 13.64
C ILE A 112 0.73 -14.64 12.57
N VAL A 113 1.63 -14.03 11.78
CA VAL A 113 1.26 -13.26 10.58
C VAL A 113 1.42 -14.14 9.34
N ILE A 114 0.32 -14.36 8.62
CA ILE A 114 0.38 -15.04 7.32
C ILE A 114 0.48 -13.98 6.23
N GLY A 115 1.67 -13.86 5.63
CA GLY A 115 1.92 -12.91 4.56
C GLY A 115 3.00 -11.92 4.93
N GLY A 116 4.10 -11.92 4.19
CA GLY A 116 5.23 -11.05 4.49
C GLY A 116 5.38 -9.84 3.58
N GLY A 117 4.33 -9.03 3.46
CA GLY A 117 4.32 -7.85 2.63
C GLY A 117 4.24 -6.56 3.43
N SER A 118 3.74 -5.51 2.77
CA SER A 118 3.67 -4.19 3.41
C SER A 118 2.98 -4.26 4.78
N GLY A 119 1.77 -4.81 4.81
CA GLY A 119 1.05 -4.87 6.07
C GLY A 119 1.66 -5.86 7.06
N GLY A 120 1.99 -7.06 6.59
CA GLY A 120 2.38 -8.12 7.51
C GLY A 120 3.71 -7.88 8.18
N LEU A 121 4.68 -7.36 7.44
CA LEU A 121 5.97 -7.05 8.04
C LEU A 121 5.83 -5.91 9.05
N ALA A 122 5.03 -4.90 8.74
CA ALA A 122 4.83 -3.79 9.67
C ALA A 122 4.23 -4.27 10.99
N ALA A 123 3.19 -5.09 10.88
CA ALA A 123 2.51 -5.62 12.06
C ALA A 123 3.43 -6.49 12.89
N GLY A 124 4.18 -7.38 12.24
CA GLY A 124 5.03 -8.31 12.97
C GLY A 124 6.14 -7.61 13.73
N LYS A 125 6.81 -6.66 13.09
CA LYS A 125 7.87 -5.92 13.77
C LYS A 125 7.33 -5.10 14.94
N GLU A 126 6.17 -4.47 14.78
CA GLU A 126 5.64 -3.64 15.87
C GLU A 126 5.24 -4.49 17.07
N ALA A 127 4.59 -5.63 16.83
CA ALA A 127 4.20 -6.52 17.92
C ALA A 127 5.42 -7.00 18.71
N ALA A 128 6.47 -7.44 18.00
CA ALA A 128 7.65 -7.96 18.68
C ALA A 128 8.26 -6.91 19.61
N LYS A 129 8.12 -5.64 19.27
CA LYS A 129 8.68 -4.58 20.11
C LYS A 129 8.07 -4.56 21.51
N TYR A 130 6.83 -5.04 21.69
CA TYR A 130 6.21 -5.10 23.00
C TYR A 130 6.29 -6.48 23.65
N GLY A 131 7.14 -7.36 23.14
CA GLY A 131 7.35 -8.63 23.79
C GLY A 131 6.52 -9.77 23.28
N ALA A 132 5.74 -9.56 22.21
CA ALA A 132 4.99 -10.66 21.61
C ALA A 132 5.94 -11.58 20.83
N LYS A 133 5.86 -12.88 21.11
CA LYS A 133 6.61 -13.88 20.37
C LYS A 133 5.92 -14.07 19.02
N THR A 134 6.61 -13.71 17.94
CA THR A 134 5.99 -13.51 16.63
C THR A 134 6.66 -14.35 15.55
N ALA A 135 5.83 -14.94 14.69
CA ALA A 135 6.25 -15.58 13.45
C ALA A 135 5.64 -14.86 12.25
N VAL A 136 6.46 -14.57 11.24
CA VAL A 136 6.00 -14.08 9.94
C VAL A 136 6.25 -15.16 8.89
N LEU A 137 5.18 -15.57 8.20
CA LEU A 137 5.22 -16.53 7.09
C LEU A 137 5.14 -15.77 5.77
N ASP A 138 6.04 -16.09 4.82
CA ASP A 138 5.93 -15.56 3.47
C ASP A 138 6.35 -16.61 2.45
N TYR A 139 5.52 -16.74 1.41
CA TYR A 139 5.75 -17.60 0.25
C TYR A 139 5.27 -16.87 -1.01
N VAL A 140 6.02 -16.99 -2.08
CA VAL A 140 5.70 -16.32 -3.35
C VAL A 140 5.43 -17.42 -4.38
N GLU A 141 4.16 -17.66 -4.68
CA GLU A 141 3.79 -18.59 -5.74
C GLU A 141 4.29 -18.05 -7.07
N PRO A 142 5.03 -18.83 -7.86
CA PRO A 142 5.58 -18.30 -9.12
C PRO A 142 4.48 -18.01 -10.13
N THR A 143 4.79 -17.08 -11.05
CA THR A 143 3.88 -16.74 -12.13
C THR A 143 3.82 -17.91 -13.12
N PRO A 144 2.87 -17.88 -14.08
CA PRO A 144 2.83 -18.94 -15.09
C PRO A 144 4.14 -19.20 -15.82
N ILE A 145 4.96 -18.17 -16.08
CA ILE A 145 6.23 -18.38 -16.78
C ILE A 145 7.39 -18.67 -15.83
N GLY A 146 7.15 -18.65 -14.51
CA GLY A 146 8.15 -19.06 -13.55
C GLY A 146 8.73 -17.96 -12.68
N THR A 147 8.29 -16.71 -12.84
CA THR A 147 8.90 -15.61 -12.11
C THR A 147 8.59 -15.69 -10.62
N THR A 148 9.61 -15.44 -9.79
CA THR A 148 9.45 -15.37 -8.35
C THR A 148 10.38 -14.29 -7.80
N TRP A 149 10.28 -14.01 -6.50
CA TRP A 149 11.05 -12.93 -5.88
C TRP A 149 11.10 -13.13 -4.37
N GLY A 150 11.78 -12.20 -3.67
CA GLY A 150 12.10 -12.34 -2.25
C GLY A 150 11.14 -11.62 -1.31
N LEU A 151 11.58 -11.49 -0.05
CA LEU A 151 10.70 -11.01 1.02
C LEU A 151 10.33 -9.54 0.82
N GLY A 152 9.08 -9.21 1.10
CA GLY A 152 8.69 -7.80 1.03
C GLY A 152 7.30 -7.48 0.48
N GLY A 153 6.74 -8.40 -0.30
CA GLY A 153 5.41 -8.21 -0.84
C GLY A 153 5.38 -7.54 -2.20
N THR A 154 4.16 -7.17 -2.61
CA THR A 154 3.92 -6.73 -3.99
C THR A 154 4.58 -5.38 -4.27
N CYS A 155 4.47 -4.43 -3.34
CA CYS A 155 5.01 -3.09 -3.56
C CYS A 155 6.53 -3.14 -3.73
N VAL A 156 7.22 -3.83 -2.82
CA VAL A 156 8.69 -3.87 -2.81
C VAL A 156 9.22 -4.51 -4.08
N ASN A 157 8.60 -5.61 -4.54
CA ASN A 157 9.17 -6.47 -5.58
C ASN A 157 8.56 -6.28 -6.97
N VAL A 158 7.25 -6.04 -7.06
CA VAL A 158 6.57 -6.02 -8.36
C VAL A 158 5.49 -4.92 -8.40
N GLY A 159 5.72 -3.84 -7.67
CA GLY A 159 4.74 -2.75 -7.57
C GLY A 159 5.35 -1.37 -7.42
N CYS A 160 5.02 -0.65 -6.33
CA CYS A 160 5.33 0.78 -6.23
C CYS A 160 6.82 1.07 -6.47
N ILE A 161 7.69 0.22 -5.95
CA ILE A 161 9.12 0.55 -5.94
C ILE A 161 9.68 0.40 -7.36
N PRO A 162 9.64 -0.78 -8.02
CA PRO A 162 10.17 -0.83 -9.39
C PRO A 162 9.40 0.05 -10.36
N LYS A 163 8.08 0.18 -10.21
CA LYS A 163 7.34 0.97 -11.18
C LYS A 163 7.73 2.45 -11.11
N LYS A 164 7.97 3.00 -9.91
CA LYS A 164 8.38 4.40 -9.85
C LYS A 164 9.82 4.60 -10.33
N LEU A 165 10.70 3.61 -10.12
CA LEU A 165 12.06 3.73 -10.65
C LEU A 165 12.07 3.70 -12.18
N MET A 166 11.18 2.90 -12.79
CA MET A 166 11.07 2.88 -14.25
C MET A 166 10.42 4.17 -14.75
N HIS A 167 9.45 4.70 -13.98
CA HIS A 167 8.88 6.03 -14.26
C HIS A 167 9.97 7.11 -14.28
N GLN A 168 10.90 7.06 -13.32
CA GLN A 168 12.00 8.03 -13.30
C GLN A 168 12.90 7.88 -14.53
N ALA A 169 13.20 6.64 -14.93
CA ALA A 169 13.95 6.42 -16.16
C ALA A 169 13.29 7.12 -17.35
N GLY A 170 11.96 6.99 -17.46
CA GLY A 170 11.24 7.67 -18.52
C GLY A 170 11.23 9.19 -18.39
N LEU A 171 11.10 9.70 -17.15
CA LEU A 171 11.15 11.15 -16.94
C LEU A 171 12.52 11.72 -17.33
N LEU A 172 13.57 10.93 -17.19
CA LEU A 172 14.89 11.43 -17.58
C LEU A 172 15.02 11.65 -19.08
N SER A 173 14.18 11.04 -19.92
CA SER A 173 14.25 11.33 -21.35
C SER A 173 13.88 12.79 -21.63
N HIS A 174 12.92 13.34 -20.90
CA HIS A 174 12.56 14.74 -21.12
C HIS A 174 13.57 15.68 -20.47
N ALA A 175 14.19 15.26 -19.38
CA ALA A 175 15.30 16.03 -18.81
C ALA A 175 16.45 16.16 -19.81
N LEU A 176 16.75 15.09 -20.55
CA LEU A 176 17.79 15.15 -21.58
C LEU A 176 17.41 16.11 -22.70
N GLU A 177 16.13 16.09 -23.12
CA GLU A 177 15.65 17.02 -24.13
C GLU A 177 15.70 18.47 -23.64
N ASP A 178 15.27 18.70 -22.40
CA ASP A 178 15.24 20.05 -21.84
C ASP A 178 16.63 20.63 -21.64
N ALA A 179 17.62 19.78 -21.37
CA ALA A 179 18.95 20.27 -21.04
C ALA A 179 19.56 21.09 -22.17
N GLU A 180 19.23 20.79 -23.44
CA GLU A 180 19.76 21.60 -24.53
C GLU A 180 19.26 23.03 -24.46
N HIS A 181 17.98 23.21 -24.17
CA HIS A 181 17.41 24.56 -24.08
C HIS A 181 18.01 25.35 -22.93
N PHE A 182 18.44 24.69 -21.87
CA PHE A 182 19.04 25.37 -20.72
C PHE A 182 20.55 25.56 -20.88
N GLY A 183 21.12 25.25 -22.06
CA GLY A 183 22.51 25.56 -22.36
C GLY A 183 23.47 24.38 -22.39
N TRP A 184 23.02 23.15 -22.15
CA TRP A 184 23.92 22.00 -22.12
C TRP A 184 24.14 21.45 -23.54
N SER A 185 25.36 20.94 -23.79
CA SER A 185 25.84 20.68 -25.15
C SER A 185 25.47 19.30 -25.70
N LEU A 186 24.54 18.58 -25.08
CA LEU A 186 24.20 17.25 -25.57
C LEU A 186 23.22 17.31 -26.73
N ASP A 187 23.15 16.22 -27.49
CA ASP A 187 22.20 16.09 -28.60
C ASP A 187 21.32 14.87 -28.32
N ARG A 188 20.10 15.13 -27.85
CA ARG A 188 19.18 14.07 -27.43
C ARG A 188 18.92 13.04 -28.54
N SER A 189 18.89 13.47 -29.79
CA SER A 189 18.53 12.53 -30.85
C SER A 189 19.58 11.45 -31.08
N LYS A 190 20.78 11.57 -30.49
CA LYS A 190 21.80 10.54 -30.62
C LYS A 190 21.95 9.66 -29.37
N ILE A 191 21.02 9.75 -28.41
CA ILE A 191 21.07 8.97 -27.18
C ILE A 191 19.98 7.90 -27.21
N SER A 192 20.33 6.70 -26.76
CA SER A 192 19.43 5.57 -26.70
C SER A 192 19.35 5.02 -25.28
N HIS A 193 18.38 4.15 -25.05
CA HIS A 193 18.17 3.52 -23.74
C HIS A 193 18.43 2.02 -23.80
N ASN A 194 19.04 1.49 -22.73
CA ASN A 194 19.33 0.06 -22.60
C ASN A 194 18.47 -0.51 -21.47
N TRP A 195 17.45 -1.28 -21.85
CA TRP A 195 16.49 -1.85 -20.91
C TRP A 195 17.18 -2.73 -19.88
N SER A 196 18.05 -3.64 -20.33
CA SER A 196 18.64 -4.58 -19.38
C SER A 196 19.53 -3.88 -18.36
N THR A 197 20.20 -2.78 -18.74
CA THR A 197 20.98 -2.05 -17.76
C THR A 197 20.09 -1.41 -16.69
N MET A 198 18.92 -0.91 -17.11
CA MET A 198 17.95 -0.37 -16.16
C MET A 198 17.48 -1.45 -15.19
N VAL A 199 17.02 -2.58 -15.73
CA VAL A 199 16.51 -3.68 -14.90
C VAL A 199 17.54 -4.15 -13.89
N GLU A 200 18.81 -4.27 -14.31
CA GLU A 200 19.86 -4.68 -13.37
C GLU A 200 19.97 -3.70 -12.19
N GLY A 201 19.83 -2.40 -12.45
CA GLY A 201 19.92 -1.44 -11.36
C GLY A 201 18.69 -1.46 -10.46
N VAL A 202 17.50 -1.58 -11.07
CA VAL A 202 16.27 -1.70 -10.29
C VAL A 202 16.33 -2.94 -9.42
N GLN A 203 16.78 -4.07 -9.98
CA GLN A 203 16.74 -5.31 -9.22
C GLN A 203 17.79 -5.34 -8.12
N SER A 204 18.89 -4.62 -8.29
CA SER A 204 19.87 -4.57 -7.22
C SER A 204 19.33 -3.81 -6.01
N HIS A 205 18.60 -2.70 -6.23
CA HIS A 205 17.91 -2.03 -5.12
C HIS A 205 16.91 -2.94 -4.44
N ILE A 206 16.09 -3.64 -5.23
CA ILE A 206 15.09 -4.55 -4.66
C ILE A 206 15.77 -5.64 -3.83
N GLY A 207 16.88 -6.17 -4.32
CA GLY A 207 17.64 -7.15 -3.54
C GLY A 207 18.10 -6.58 -2.20
N SER A 208 18.47 -5.30 -2.18
CA SER A 208 18.86 -4.70 -0.91
C SER A 208 17.67 -4.59 0.04
N LEU A 209 16.45 -4.43 -0.51
CA LEU A 209 15.28 -4.37 0.36
C LEU A 209 14.93 -5.76 0.89
N ASN A 210 14.93 -6.79 0.02
CA ASN A 210 14.75 -8.16 0.49
C ASN A 210 15.65 -8.46 1.69
N TRP A 211 16.94 -8.12 1.56
CA TRP A 211 17.90 -8.43 2.62
C TRP A 211 17.66 -7.58 3.85
N GLY A 212 17.33 -6.29 3.65
CA GLY A 212 17.02 -5.43 4.77
C GLY A 212 15.87 -5.94 5.62
N TYR A 213 14.82 -6.49 4.99
CA TYR A 213 13.72 -7.05 5.77
C TYR A 213 14.15 -8.29 6.57
N LYS A 214 14.97 -9.18 5.99
CA LYS A 214 15.39 -10.35 6.76
C LYS A 214 16.25 -9.94 7.96
N VAL A 215 17.10 -8.93 7.80
CA VAL A 215 17.90 -8.44 8.91
C VAL A 215 17.02 -7.83 9.99
N ALA A 216 16.03 -7.03 9.58
CA ALA A 216 15.15 -6.37 10.55
C ALA A 216 14.36 -7.40 11.37
N LEU A 217 13.86 -8.46 10.73
CA LEU A 217 13.14 -9.48 11.48
C LEU A 217 14.06 -10.18 12.48
N ARG A 218 15.28 -10.51 12.06
CA ARG A 218 16.25 -11.14 12.95
C ARG A 218 16.57 -10.24 14.13
N ASP A 219 16.78 -8.94 13.89
CA ASP A 219 17.12 -8.03 14.97
C ASP A 219 15.94 -7.71 15.90
N ASN A 220 14.71 -8.03 15.49
CA ASN A 220 13.55 -7.90 16.37
C ASN A 220 13.13 -9.23 16.98
N GLN A 221 13.95 -10.29 16.83
CA GLN A 221 13.66 -11.62 17.38
C GLN A 221 12.37 -12.23 16.82
N VAL A 222 12.05 -11.91 15.55
CA VAL A 222 10.88 -12.45 14.86
C VAL A 222 11.30 -13.69 14.09
N THR A 223 10.51 -14.76 14.20
CA THR A 223 10.79 -15.98 13.43
C THR A 223 10.25 -15.83 12.01
N TYR A 224 11.14 -15.88 11.02
CA TYR A 224 10.77 -15.82 9.61
C TYR A 224 10.76 -17.23 9.03
N LEU A 225 9.59 -17.67 8.53
CA LEU A 225 9.43 -18.95 7.86
C LEU A 225 9.07 -18.72 6.39
N ASN A 226 9.92 -19.19 5.48
CA ASN A 226 9.64 -19.09 4.04
C ASN A 226 8.81 -20.32 3.66
N ALA A 227 7.52 -20.23 3.97
CA ALA A 227 6.61 -21.36 3.88
C ALA A 227 5.19 -20.85 3.66
N LYS A 228 4.39 -21.65 2.96
CA LYS A 228 3.01 -21.30 2.67
C LYS A 228 2.14 -21.68 3.86
N GLY A 229 1.33 -20.74 4.34
CA GLY A 229 0.47 -20.95 5.49
C GLY A 229 -0.99 -21.20 5.14
N ARG A 230 -1.65 -22.01 5.98
CA ARG A 230 -3.07 -22.30 5.85
C ARG A 230 -3.69 -22.36 7.24
N LEU A 231 -4.65 -21.48 7.51
CA LEU A 231 -5.38 -21.50 8.77
C LEU A 231 -6.43 -22.61 8.74
N ILE A 232 -6.26 -23.62 9.61
CA ILE A 232 -7.15 -24.78 9.64
C ILE A 232 -8.08 -24.80 10.85
N SER A 233 -7.76 -24.08 11.92
CA SER A 233 -8.70 -23.80 13.00
C SER A 233 -8.33 -22.44 13.56
N PRO A 234 -9.12 -21.88 14.48
CA PRO A 234 -8.83 -20.51 14.95
C PRO A 234 -7.39 -20.29 15.41
N HIS A 235 -6.74 -21.28 16.01
CA HIS A 235 -5.40 -21.10 16.54
C HIS A 235 -4.32 -21.96 15.87
N GLU A 236 -4.67 -22.73 14.84
CA GLU A 236 -3.74 -23.66 14.19
C GLU A 236 -3.43 -23.22 12.77
N VAL A 237 -2.14 -23.10 12.46
CA VAL A 237 -1.66 -22.76 11.13
C VAL A 237 -0.83 -23.92 10.60
N GLN A 238 -1.30 -24.54 9.52
CA GLN A 238 -0.55 -25.56 8.82
C GLN A 238 0.41 -24.90 7.83
N ILE A 239 1.69 -25.28 7.89
CA ILE A 239 2.72 -24.70 7.03
C ILE A 239 3.29 -25.78 6.12
N THR A 240 3.66 -25.38 4.90
CA THR A 240 4.33 -26.26 3.94
C THR A 240 5.60 -25.55 3.48
N ASP A 241 6.75 -26.19 3.62
CA ASP A 241 8.01 -25.53 3.34
C ASP A 241 8.48 -25.82 1.91
N LYS A 242 9.71 -25.42 1.60
CA LYS A 242 10.25 -25.56 0.24
C LYS A 242 10.51 -27.01 -0.15
N ASN A 243 10.51 -27.93 0.81
CA ASN A 243 10.66 -29.35 0.55
C ASN A 243 9.34 -30.10 0.62
N GLN A 244 8.22 -29.37 0.63
CA GLN A 244 6.87 -29.94 0.76
C GLN A 244 6.66 -30.67 2.09
N LYS A 245 7.42 -30.32 3.12
CA LYS A 245 7.21 -30.87 4.46
C LYS A 245 6.09 -30.11 5.16
N VAL A 246 5.12 -30.84 5.72
CA VAL A 246 3.92 -30.26 6.31
C VAL A 246 3.98 -30.38 7.82
N SER A 247 3.61 -29.29 8.52
CA SER A 247 3.52 -29.31 9.97
C SER A 247 2.51 -28.26 10.42
N THR A 248 2.31 -28.17 11.73
CA THR A 248 1.33 -27.26 12.33
C THR A 248 2.00 -26.46 13.45
N ILE A 249 1.72 -25.14 13.49
CA ILE A 249 2.11 -24.28 14.60
C ILE A 249 0.87 -23.60 15.15
N THR A 250 0.94 -23.20 16.42
CA THR A 250 -0.19 -22.55 17.08
C THR A 250 0.16 -21.12 17.48
N GLY A 251 -0.86 -20.28 17.52
CA GLY A 251 -0.69 -18.89 17.89
C GLY A 251 -1.92 -18.35 18.56
N ASN A 252 -1.71 -17.41 19.49
CA ASN A 252 -2.84 -16.79 20.19
C ASN A 252 -3.64 -15.90 19.23
N LYS A 253 -3.02 -14.84 18.72
CA LYS A 253 -3.62 -13.99 17.70
C LYS A 253 -3.07 -14.32 16.30
N ILE A 254 -3.93 -14.20 15.29
CA ILE A 254 -3.59 -14.44 13.89
C ILE A 254 -3.88 -13.17 13.09
N ILE A 255 -2.92 -12.74 12.27
CA ILE A 255 -3.17 -11.66 11.29
C ILE A 255 -3.02 -12.22 9.88
N LEU A 256 -4.10 -12.14 9.10
CA LEU A 256 -4.08 -12.48 7.68
C LEU A 256 -3.66 -11.26 6.86
N ALA A 257 -2.60 -11.39 6.08
CA ALA A 257 -2.05 -10.28 5.31
C ALA A 257 -1.44 -10.79 3.99
N THR A 258 -2.22 -11.57 3.22
CA THR A 258 -1.68 -12.30 2.08
C THR A 258 -1.80 -11.59 0.73
N GLY A 259 -2.48 -10.43 0.66
CA GLY A 259 -2.47 -9.64 -0.56
C GLY A 259 -3.25 -10.31 -1.70
N GLU A 260 -2.94 -9.84 -2.92
CA GLU A 260 -3.64 -10.26 -4.13
C GLU A 260 -2.60 -10.56 -5.22
N ARG A 261 -3.07 -11.09 -6.35
CA ARG A 261 -2.25 -11.33 -7.54
C ARG A 261 -3.01 -10.95 -8.80
N PRO A 262 -2.32 -10.74 -9.93
CA PRO A 262 -3.01 -10.30 -11.17
C PRO A 262 -4.00 -11.32 -11.71
N LYS A 263 -5.07 -10.82 -12.32
CA LYS A 263 -6.04 -11.66 -13.05
C LYS A 263 -5.70 -11.78 -14.53
N TYR A 264 -6.13 -12.89 -15.14
CA TYR A 264 -6.05 -13.06 -16.59
C TYR A 264 -7.46 -13.19 -17.17
N PRO A 265 -7.71 -12.69 -18.37
CA PRO A 265 -9.01 -12.93 -19.00
C PRO A 265 -9.12 -14.38 -19.45
N GLU A 266 -10.36 -14.89 -19.46
CA GLU A 266 -10.62 -16.27 -19.85
C GLU A 266 -10.72 -16.37 -21.38
N ILE A 267 -9.58 -16.24 -22.03
CA ILE A 267 -9.50 -16.37 -23.50
C ILE A 267 -8.32 -17.26 -23.86
N PRO A 268 -8.37 -17.89 -25.04
CA PRO A 268 -7.25 -18.72 -25.50
C PRO A 268 -5.97 -17.92 -25.66
N GLY A 269 -4.86 -18.49 -25.16
CA GLY A 269 -3.55 -17.90 -25.32
C GLY A 269 -3.13 -16.93 -24.23
N ALA A 270 -4.04 -16.51 -23.36
CA ALA A 270 -3.70 -15.45 -22.41
C ALA A 270 -2.63 -15.89 -21.42
N VAL A 271 -2.87 -17.01 -20.73
CA VAL A 271 -1.91 -17.50 -19.74
C VAL A 271 -0.62 -17.97 -20.40
N GLU A 272 -0.74 -18.59 -21.58
CA GLU A 272 0.41 -19.20 -22.24
C GLU A 272 1.38 -18.16 -22.78
N TYR A 273 0.87 -17.08 -23.36
CA TYR A 273 1.67 -16.22 -24.20
C TYR A 273 1.77 -14.78 -23.72
N GLY A 274 0.85 -14.32 -22.84
CA GLY A 274 0.94 -13.01 -22.25
C GLY A 274 1.73 -12.98 -20.93
N ILE A 275 1.94 -11.76 -20.42
CA ILE A 275 2.61 -11.56 -19.14
C ILE A 275 1.77 -10.57 -18.33
N THR A 276 2.18 -10.33 -17.08
CA THR A 276 1.53 -9.32 -16.24
C THR A 276 2.63 -8.47 -15.61
N SER A 277 2.21 -7.52 -14.77
CA SER A 277 3.16 -6.69 -14.03
C SER A 277 4.09 -7.53 -13.15
N ASP A 278 3.62 -8.68 -12.63
CA ASP A 278 4.52 -9.59 -11.90
C ASP A 278 5.78 -9.92 -12.70
N ASP A 279 5.66 -10.10 -14.02
CA ASP A 279 6.80 -10.49 -14.85
C ASP A 279 7.58 -9.30 -15.38
N LEU A 280 6.94 -8.13 -15.52
CA LEU A 280 7.53 -7.04 -16.30
C LEU A 280 8.79 -6.48 -15.63
N PHE A 281 8.79 -6.37 -14.31
CA PHE A 281 9.84 -5.61 -13.63
C PHE A 281 11.17 -6.34 -13.53
N SER A 282 11.21 -7.65 -13.82
CA SER A 282 12.47 -8.36 -13.94
C SER A 282 12.68 -8.96 -15.33
N LEU A 283 11.96 -8.48 -16.35
CA LEU A 283 12.03 -9.09 -17.68
C LEU A 283 13.43 -9.00 -18.28
N PRO A 284 14.02 -10.11 -18.75
CA PRO A 284 15.41 -10.07 -19.23
C PRO A 284 15.59 -9.41 -20.60
N TYR A 285 14.52 -9.18 -21.34
CA TYR A 285 14.57 -8.56 -22.66
C TYR A 285 13.62 -7.36 -22.69
N PHE A 286 13.93 -6.37 -23.55
CA PHE A 286 13.00 -5.26 -23.76
C PHE A 286 11.73 -5.80 -24.41
N PRO A 287 10.53 -5.42 -23.93
CA PRO A 287 9.29 -5.97 -24.50
C PRO A 287 9.08 -5.70 -26.00
N GLY A 288 9.69 -4.65 -26.55
CA GLY A 288 9.47 -4.32 -27.97
C GLY A 288 8.11 -3.68 -28.20
N LYS A 289 7.54 -3.92 -29.38
CA LYS A 289 6.18 -3.48 -29.68
C LYS A 289 5.20 -4.19 -28.75
N THR A 290 4.45 -3.41 -27.97
CA THR A 290 3.75 -3.89 -26.79
C THR A 290 2.29 -3.49 -26.80
N LEU A 291 1.40 -4.42 -26.51
CA LEU A 291 0.00 -4.12 -26.28
C LEU A 291 -0.28 -4.28 -24.78
N VAL A 292 -0.85 -3.23 -24.17
CA VAL A 292 -1.32 -3.31 -22.79
C VAL A 292 -2.84 -3.43 -22.83
N ILE A 293 -3.38 -4.52 -22.27
CA ILE A 293 -4.82 -4.75 -22.20
C ILE A 293 -5.29 -4.37 -20.79
N GLY A 294 -6.10 -3.33 -20.71
CA GLY A 294 -6.55 -2.78 -19.44
C GLY A 294 -6.40 -1.28 -19.40
N ALA A 295 -7.04 -0.68 -18.39
CA ALA A 295 -7.09 0.77 -18.32
C ALA A 295 -7.01 1.30 -16.88
N SER A 296 -6.58 0.46 -15.94
CA SER A 296 -6.34 0.80 -14.54
C SER A 296 -5.10 1.69 -14.44
N TYR A 297 -4.80 2.15 -13.22
CA TYR A 297 -3.59 2.93 -13.05
C TYR A 297 -2.34 2.09 -13.35
N VAL A 298 -2.37 0.79 -13.04
CA VAL A 298 -1.26 -0.10 -13.40
C VAL A 298 -1.04 -0.10 -14.90
N ALA A 299 -2.10 -0.32 -15.69
CA ALA A 299 -1.99 -0.34 -17.15
C ALA A 299 -1.41 0.95 -17.70
N LEU A 300 -1.96 2.11 -17.30
CA LEU A 300 -1.47 3.38 -17.86
C LEU A 300 -0.07 3.72 -17.36
N GLU A 301 0.28 3.36 -16.13
CA GLU A 301 1.64 3.66 -15.65
C GLU A 301 2.67 2.86 -16.45
N CYS A 302 2.40 1.57 -16.69
CA CYS A 302 3.37 0.77 -17.44
C CYS A 302 3.41 1.20 -18.91
N ALA A 303 2.26 1.40 -19.55
CA ALA A 303 2.25 1.92 -20.92
C ALA A 303 3.05 3.22 -21.03
N GLY A 304 2.92 4.08 -20.01
CA GLY A 304 3.58 5.38 -20.07
C GLY A 304 5.09 5.31 -20.07
N PHE A 305 5.68 4.57 -19.11
CA PHE A 305 7.14 4.55 -19.12
C PHE A 305 7.69 3.73 -20.28
N LEU A 306 6.96 2.71 -20.76
CA LEU A 306 7.45 1.97 -21.92
C LEU A 306 7.55 2.88 -23.15
N ALA A 307 6.61 3.81 -23.29
CA ALA A 307 6.67 4.74 -24.42
C ALA A 307 7.86 5.69 -24.28
N SER A 308 8.08 6.22 -23.08
CA SER A 308 9.17 7.15 -22.85
C SER A 308 10.55 6.49 -23.02
N LEU A 309 10.64 5.19 -22.81
CA LEU A 309 11.88 4.45 -23.05
C LEU A 309 12.02 3.98 -24.51
N GLY A 310 11.23 4.53 -25.43
CA GLY A 310 11.39 4.26 -26.84
C GLY A 310 10.50 3.19 -27.43
N GLY A 311 9.56 2.64 -26.65
CA GLY A 311 8.74 1.55 -27.15
C GLY A 311 7.55 1.99 -27.99
N ASP A 312 7.11 1.09 -28.87
CA ASP A 312 5.90 1.26 -29.67
C ASP A 312 4.77 0.60 -28.86
N VAL A 313 3.88 1.42 -28.29
CA VAL A 313 2.96 0.97 -27.24
C VAL A 313 1.52 1.29 -27.62
N THR A 314 0.62 0.31 -27.43
CA THR A 314 -0.82 0.44 -27.62
C THR A 314 -1.55 -0.01 -26.35
N VAL A 315 -2.55 0.75 -25.92
CA VAL A 315 -3.41 0.39 -24.78
C VAL A 315 -4.80 0.07 -25.32
N MET A 316 -5.37 -1.08 -24.91
CA MET A 316 -6.71 -1.48 -25.37
C MET A 316 -7.72 -1.29 -24.23
N VAL A 317 -8.66 -0.36 -24.42
CA VAL A 317 -9.58 0.11 -23.38
C VAL A 317 -10.97 -0.48 -23.60
N ARG A 318 -11.46 -1.27 -22.64
CA ARG A 318 -12.81 -1.85 -22.75
C ARG A 318 -13.90 -0.77 -22.75
N SER A 319 -13.87 0.14 -21.77
CA SER A 319 -14.88 1.19 -21.66
C SER A 319 -14.25 2.56 -21.42
N ILE A 320 -13.72 2.78 -20.20
CA ILE A 320 -13.17 4.07 -19.80
C ILE A 320 -11.80 3.88 -19.14
N LEU A 321 -11.07 4.99 -19.03
CA LEU A 321 -9.81 5.03 -18.29
C LEU A 321 -10.06 5.30 -16.81
N LEU A 322 -9.29 4.63 -15.94
CA LEU A 322 -9.27 4.90 -14.50
C LEU A 322 -10.66 4.93 -13.86
N ARG A 323 -11.45 3.87 -14.11
CA ARG A 323 -12.76 3.78 -13.49
C ARG A 323 -12.66 3.92 -11.98
N GLY A 324 -13.50 4.79 -11.41
CA GLY A 324 -13.48 5.10 -10.01
C GLY A 324 -12.77 6.39 -9.65
N PHE A 325 -11.96 6.93 -10.55
CA PHE A 325 -11.36 8.26 -10.40
C PHE A 325 -12.18 9.30 -11.17
N ASP A 326 -12.01 10.56 -10.78
CA ASP A 326 -12.59 11.71 -11.48
C ASP A 326 -12.35 11.60 -12.99
N GLN A 327 -13.46 11.58 -13.77
CA GLN A 327 -13.29 11.25 -15.19
C GLN A 327 -12.83 12.41 -16.05
N GLN A 328 -13.03 13.67 -15.62
CA GLN A 328 -12.41 14.77 -16.34
C GLN A 328 -10.89 14.67 -16.22
N MET A 329 -10.39 14.35 -15.02
CA MET A 329 -8.95 14.19 -14.82
C MET A 329 -8.43 12.96 -15.58
N ALA A 330 -9.20 11.88 -15.61
CA ALA A 330 -8.76 10.68 -16.31
C ALA A 330 -8.57 10.95 -17.81
N GLU A 331 -9.46 11.76 -18.39
CA GLU A 331 -9.36 12.05 -19.81
C GLU A 331 -8.17 12.97 -20.10
N LYS A 332 -7.91 13.93 -19.22
CA LYS A 332 -6.71 14.76 -19.38
C LYS A 332 -5.44 13.92 -19.27
N VAL A 333 -5.43 12.93 -18.37
CA VAL A 333 -4.28 12.03 -18.24
C VAL A 333 -4.03 11.30 -19.55
N GLY A 334 -5.09 10.75 -20.15
CA GLY A 334 -4.92 9.96 -21.37
C GLY A 334 -4.61 10.79 -22.61
N ASP A 335 -5.27 11.94 -22.76
CA ASP A 335 -4.90 12.90 -23.82
C ASP A 335 -3.43 13.22 -23.81
N TYR A 336 -2.84 13.46 -22.63
CA TYR A 336 -1.43 13.77 -22.61
C TYR A 336 -0.62 12.58 -23.13
N MET A 337 -0.94 11.37 -22.66
CA MET A 337 -0.23 10.18 -23.12
C MET A 337 -0.40 9.99 -24.62
N GLU A 338 -1.61 10.26 -25.14
CA GLU A 338 -1.85 10.06 -26.57
C GLU A 338 -1.12 11.09 -27.43
N ASN A 339 -0.93 12.32 -26.92
CA ASN A 339 -0.13 13.30 -27.65
C ASN A 339 1.36 13.04 -27.56
N HIS A 340 1.80 12.20 -26.62
CA HIS A 340 3.21 11.87 -26.44
C HIS A 340 3.51 10.40 -26.74
N GLY A 341 2.82 9.83 -27.73
CA GLY A 341 3.25 8.59 -28.35
C GLY A 341 2.39 7.36 -28.07
N VAL A 342 1.60 7.34 -27.01
CA VAL A 342 0.84 6.13 -26.68
C VAL A 342 -0.40 6.04 -27.57
N LYS A 343 -0.59 4.91 -28.23
CA LYS A 343 -1.79 4.68 -29.02
C LYS A 343 -2.87 3.99 -28.18
N PHE A 344 -4.14 4.31 -28.48
CA PHE A 344 -5.27 3.74 -27.75
C PHE A 344 -6.23 3.07 -28.73
N ALA A 345 -6.68 1.86 -28.38
CA ALA A 345 -7.76 1.18 -29.08
C ALA A 345 -8.97 1.18 -28.15
N LYS A 346 -9.90 2.10 -28.41
CA LYS A 346 -10.98 2.40 -27.48
C LYS A 346 -12.22 1.56 -27.79
N LEU A 347 -12.95 1.21 -26.73
CA LEU A 347 -14.16 0.37 -26.79
C LEU A 347 -13.87 -1.01 -27.41
N CYS A 348 -12.78 -1.66 -26.95
CA CYS A 348 -12.24 -2.86 -27.58
C CYS A 348 -11.86 -3.91 -26.53
N VAL A 349 -12.13 -5.17 -26.83
CA VAL A 349 -11.73 -6.27 -25.94
C VAL A 349 -11.05 -7.38 -26.74
N PRO A 350 -10.18 -8.18 -26.14
CA PRO A 350 -9.51 -9.26 -26.88
C PRO A 350 -10.31 -10.55 -26.85
N ASP A 351 -10.20 -11.31 -27.95
CA ASP A 351 -10.82 -12.63 -28.06
C ASP A 351 -9.84 -13.80 -28.01
N GLU A 352 -8.60 -13.64 -28.50
CA GLU A 352 -7.58 -14.68 -28.39
C GLU A 352 -6.18 -14.12 -28.69
N ILE A 353 -5.16 -14.82 -28.15
CA ILE A 353 -3.75 -14.54 -28.43
C ILE A 353 -3.16 -15.78 -29.10
N LYS A 354 -2.61 -15.61 -30.30
CA LYS A 354 -1.98 -16.71 -31.02
C LYS A 354 -0.46 -16.51 -31.11
N GLN A 355 0.30 -17.60 -30.92
CA GLN A 355 1.76 -17.51 -30.94
C GLN A 355 2.30 -17.59 -32.36
N LEU A 356 3.13 -16.62 -32.74
CA LEU A 356 3.84 -16.65 -34.01
C LEU A 356 5.33 -16.95 -33.88
N LYS A 357 5.96 -16.53 -32.78
CA LYS A 357 7.35 -16.83 -32.45
C LYS A 357 7.48 -17.06 -30.95
N VAL A 358 8.25 -18.11 -30.57
CA VAL A 358 8.56 -18.38 -29.17
C VAL A 358 9.62 -17.38 -28.68
N VAL A 359 9.53 -17.00 -27.40
CA VAL A 359 10.55 -16.12 -26.80
C VAL A 359 11.94 -16.73 -26.99
N ASP A 360 12.90 -15.89 -27.38
CA ASP A 360 14.28 -16.32 -27.67
C ASP A 360 15.13 -16.11 -26.42
N THR A 361 15.15 -17.11 -25.55
CA THR A 361 15.81 -16.98 -24.25
C THR A 361 17.32 -16.84 -24.36
N GLU A 362 17.92 -17.32 -25.45
CA GLU A 362 19.37 -17.25 -25.58
C GLU A 362 19.84 -15.94 -26.20
N ASN A 363 19.27 -15.54 -27.34
CA ASN A 363 19.58 -14.24 -27.94
C ASN A 363 18.98 -13.07 -27.16
N ASN A 364 18.17 -13.34 -26.14
CA ASN A 364 17.57 -12.32 -25.28
C ASN A 364 16.60 -11.43 -26.05
N LYS A 365 15.59 -12.05 -26.65
CA LYS A 365 14.65 -11.38 -27.52
C LYS A 365 13.24 -11.86 -27.24
N PRO A 366 12.25 -10.99 -27.34
CA PRO A 366 10.85 -11.44 -27.20
C PRO A 366 10.44 -12.29 -28.39
N GLY A 367 9.30 -12.96 -28.24
CA GLY A 367 8.65 -13.66 -29.34
C GLY A 367 7.80 -12.73 -30.19
N LEU A 368 6.71 -13.28 -30.72
CA LEU A 368 5.81 -12.51 -31.56
C LEU A 368 4.42 -13.12 -31.47
N LEU A 369 3.40 -12.27 -31.37
CA LEU A 369 2.03 -12.72 -31.14
C LEU A 369 1.06 -12.04 -32.10
N LEU A 370 -0.06 -12.70 -32.38
CA LEU A 370 -1.18 -12.12 -33.11
C LEU A 370 -2.36 -11.98 -32.17
N VAL A 371 -2.86 -10.75 -32.01
CA VAL A 371 -3.98 -10.46 -31.11
C VAL A 371 -5.23 -10.21 -31.95
N LYS A 372 -6.29 -10.95 -31.66
CA LYS A 372 -7.59 -10.80 -32.31
C LYS A 372 -8.61 -10.35 -31.26
N GLY A 373 -9.38 -9.31 -31.59
CA GLY A 373 -10.42 -8.81 -30.71
C GLY A 373 -11.58 -8.16 -31.45
N HIS A 374 -12.45 -7.43 -30.74
CA HIS A 374 -13.53 -6.71 -31.42
C HIS A 374 -13.96 -5.47 -30.63
N TYR A 375 -14.42 -4.46 -31.37
CA TYR A 375 -15.00 -3.24 -30.81
C TYR A 375 -16.47 -3.46 -30.44
N THR A 376 -17.01 -2.56 -29.59
CA THR A 376 -18.35 -2.79 -29.05
C THR A 376 -19.42 -2.72 -30.13
N ASP A 377 -19.14 -2.10 -31.27
CA ASP A 377 -20.10 -2.12 -32.37
C ASP A 377 -20.02 -3.37 -33.22
N GLY A 378 -19.07 -4.27 -32.96
CA GLY A 378 -18.92 -5.50 -33.72
C GLY A 378 -17.72 -5.53 -34.64
N LYS A 379 -17.16 -4.39 -35.02
CA LYS A 379 -16.00 -4.35 -35.90
C LYS A 379 -14.81 -5.11 -35.27
N LYS A 380 -13.90 -5.56 -36.14
CA LYS A 380 -12.83 -6.48 -35.77
C LYS A 380 -11.51 -5.77 -35.46
N PHE A 381 -10.76 -6.32 -34.49
CA PHE A 381 -9.39 -5.91 -34.20
C PHE A 381 -8.43 -7.07 -34.50
N GLU A 382 -7.34 -6.78 -35.21
CA GLU A 382 -6.32 -7.80 -35.54
C GLU A 382 -4.98 -7.13 -35.77
N GLU A 383 -3.96 -7.46 -34.95
CA GLU A 383 -2.67 -6.79 -35.01
C GLU A 383 -1.61 -7.64 -34.30
N GLU A 384 -0.36 -7.55 -34.78
CA GLU A 384 0.78 -8.29 -34.23
C GLU A 384 1.55 -7.45 -33.21
N PHE A 385 2.00 -8.10 -32.13
CA PHE A 385 2.78 -7.45 -31.06
C PHE A 385 3.87 -8.42 -30.60
N GLU A 386 4.97 -7.86 -30.07
CA GLU A 386 6.00 -8.73 -29.51
C GLU A 386 5.69 -9.16 -28.07
N THR A 387 5.05 -8.28 -27.29
CA THR A 387 4.68 -8.52 -25.91
C THR A 387 3.24 -8.07 -25.65
N VAL A 388 2.50 -8.86 -24.90
CA VAL A 388 1.13 -8.54 -24.50
C VAL A 388 1.08 -8.58 -22.98
N ILE A 389 0.72 -7.46 -22.36
CA ILE A 389 0.66 -7.32 -20.91
C ILE A 389 -0.79 -7.15 -20.48
N PHE A 390 -1.26 -8.06 -19.62
CA PHE A 390 -2.61 -7.96 -19.07
C PHE A 390 -2.58 -7.18 -17.75
N ALA A 391 -3.36 -6.11 -17.68
CA ALA A 391 -3.60 -5.37 -16.43
C ALA A 391 -5.12 -5.18 -16.32
N VAL A 392 -5.81 -6.26 -15.97
CA VAL A 392 -7.28 -6.27 -15.93
C VAL A 392 -7.76 -6.55 -14.51
N GLY A 393 -6.98 -6.13 -13.51
CA GLY A 393 -7.40 -6.23 -12.12
C GLY A 393 -6.62 -7.29 -11.37
N ARG A 394 -6.86 -7.31 -10.05
CA ARG A 394 -6.18 -8.18 -9.09
C ARG A 394 -7.20 -8.81 -8.13
N GLU A 395 -6.90 -10.00 -7.61
CA GLU A 395 -7.84 -10.67 -6.73
C GLU A 395 -7.10 -11.51 -5.70
N PRO A 396 -7.71 -11.76 -4.55
CA PRO A 396 -7.11 -12.68 -3.57
C PRO A 396 -7.51 -14.11 -3.90
N GLN A 397 -6.81 -15.06 -3.29
CA GLN A 397 -7.18 -16.46 -3.43
C GLN A 397 -7.25 -17.11 -2.04
N LEU A 398 -8.17 -16.60 -1.23
CA LEU A 398 -8.22 -16.99 0.18
C LEU A 398 -8.69 -18.43 0.39
N SER A 399 -9.30 -19.06 -0.62
CA SER A 399 -9.61 -20.47 -0.50
C SER A 399 -8.34 -21.31 -0.31
N LYS A 400 -7.20 -20.82 -0.79
CA LYS A 400 -5.92 -21.47 -0.53
C LYS A 400 -5.37 -21.15 0.86
N VAL A 401 -5.78 -20.02 1.45
CA VAL A 401 -5.21 -19.57 2.72
C VAL A 401 -6.01 -20.07 3.92
N LEU A 402 -7.29 -20.38 3.74
CA LEU A 402 -8.25 -20.30 4.82
C LEU A 402 -9.29 -21.42 4.66
N CYS A 403 -9.22 -22.44 5.51
CA CYS A 403 -10.25 -23.48 5.50
C CYS A 403 -11.61 -22.87 5.84
N GLU A 404 -12.63 -23.25 5.08
CA GLU A 404 -13.95 -22.65 5.24
C GLU A 404 -14.61 -23.04 6.57
N THR A 405 -14.15 -24.12 7.20
CA THR A 405 -14.68 -24.53 8.49
C THR A 405 -14.23 -23.63 9.65
N VAL A 406 -13.18 -22.82 9.45
CA VAL A 406 -12.74 -21.94 10.53
C VAL A 406 -13.81 -20.91 10.86
N GLY A 407 -14.54 -20.44 9.86
CA GLY A 407 -15.63 -19.52 10.09
C GLY A 407 -15.37 -18.05 9.79
N VAL A 408 -14.36 -17.74 8.97
CA VAL A 408 -14.05 -16.36 8.58
C VAL A 408 -14.93 -15.96 7.41
N LYS A 409 -15.76 -14.94 7.61
CA LYS A 409 -16.73 -14.50 6.60
C LYS A 409 -16.02 -13.71 5.50
N LEU A 410 -16.30 -14.07 4.24
CA LEU A 410 -15.84 -13.35 3.06
C LEU A 410 -17.02 -12.71 2.33
N ASP A 411 -16.74 -11.68 1.52
CA ASP A 411 -17.80 -11.02 0.77
C ASP A 411 -17.91 -11.66 -0.63
N LYS A 412 -18.75 -11.07 -1.49
CA LYS A 412 -18.97 -11.63 -2.83
C LYS A 412 -17.69 -11.63 -3.69
N ASN A 413 -16.73 -10.76 -3.40
CA ASN A 413 -15.49 -10.68 -4.16
C ASN A 413 -14.37 -11.51 -3.55
N GLY A 414 -14.64 -12.28 -2.50
CA GLY A 414 -13.58 -13.06 -1.88
C GLY A 414 -12.71 -12.32 -0.89
N ARG A 415 -13.06 -11.10 -0.48
CA ARG A 415 -12.30 -10.39 0.54
C ARG A 415 -12.95 -10.53 1.92
N VAL A 416 -12.17 -10.21 2.97
CA VAL A 416 -12.51 -10.52 4.36
C VAL A 416 -13.34 -9.40 4.96
N VAL A 417 -14.50 -9.74 5.52
CA VAL A 417 -15.39 -8.78 6.16
C VAL A 417 -14.89 -8.51 7.58
N CYS A 418 -14.55 -7.26 7.86
CA CYS A 418 -13.92 -6.89 9.13
C CYS A 418 -14.69 -5.77 9.81
N THR A 419 -14.59 -5.74 11.15
CA THR A 419 -15.02 -4.60 11.93
C THR A 419 -14.02 -3.45 11.78
N ASP A 420 -14.34 -2.31 12.38
CA ASP A 420 -13.50 -1.12 12.24
C ASP A 420 -12.18 -1.22 13.02
N ASP A 421 -11.95 -2.30 13.75
CA ASP A 421 -10.65 -2.58 14.34
C ASP A 421 -9.98 -3.79 13.69
N GLU A 422 -10.39 -4.14 12.46
CA GLU A 422 -9.81 -5.19 11.62
C GLU A 422 -10.13 -6.61 12.11
N GLN A 423 -11.06 -6.78 13.04
CA GLN A 423 -11.40 -8.12 13.53
C GLN A 423 -12.32 -8.82 12.53
N THR A 424 -12.06 -10.11 12.28
CA THR A 424 -12.90 -10.94 11.42
C THR A 424 -14.07 -11.49 12.25
N THR A 425 -14.85 -12.41 11.67
CA THR A 425 -15.93 -13.05 12.42
C THR A 425 -15.41 -14.13 13.37
N VAL A 426 -14.09 -14.35 13.44
CA VAL A 426 -13.49 -15.20 14.45
C VAL A 426 -12.63 -14.31 15.35
N SER A 427 -12.87 -14.37 16.66
CA SER A 427 -12.53 -13.24 17.54
C SER A 427 -11.03 -12.98 17.65
N ASN A 428 -10.19 -14.02 17.52
CA ASN A 428 -8.75 -13.86 17.62
C ASN A 428 -8.07 -13.64 16.27
N VAL A 429 -8.84 -13.56 15.17
CA VAL A 429 -8.27 -13.51 13.83
C VAL A 429 -8.59 -12.15 13.22
N TYR A 430 -7.57 -11.49 12.65
CA TYR A 430 -7.68 -10.16 12.08
C TYR A 430 -7.17 -10.18 10.64
N ALA A 431 -7.53 -9.14 9.87
CA ALA A 431 -7.09 -9.05 8.49
C ALA A 431 -6.75 -7.61 8.13
N ILE A 432 -5.63 -7.43 7.41
CA ILE A 432 -5.12 -6.11 7.05
C ILE A 432 -4.71 -6.06 5.58
N GLY A 433 -4.65 -4.84 5.03
CA GLY A 433 -4.12 -4.68 3.69
C GLY A 433 -5.19 -4.94 2.63
N ASP A 434 -4.73 -5.37 1.44
CA ASP A 434 -5.62 -5.43 0.27
C ASP A 434 -6.78 -6.42 0.46
N ILE A 435 -6.62 -7.45 1.29
CA ILE A 435 -7.72 -8.41 1.48
C ILE A 435 -8.81 -7.93 2.44
N ASN A 436 -8.65 -6.77 3.07
CA ASN A 436 -9.68 -6.22 3.96
C ASN A 436 -10.77 -5.57 3.10
N ALA A 437 -11.98 -6.13 3.12
CA ALA A 437 -13.04 -5.67 2.21
C ALA A 437 -13.32 -4.18 2.41
N GLY A 438 -13.43 -3.44 1.30
CA GLY A 438 -13.89 -2.07 1.33
C GLY A 438 -12.84 -1.02 1.57
N LYS A 439 -11.60 -1.41 1.88
CA LYS A 439 -10.57 -0.44 2.23
C LYS A 439 -9.75 -0.05 1.00
N PRO A 440 -9.19 1.17 1.01
CA PRO A 440 -8.30 1.58 -0.09
C PRO A 440 -7.08 0.68 -0.14
N GLN A 441 -6.74 0.21 -1.34
CA GLN A 441 -5.70 -0.80 -1.52
C GLN A 441 -4.35 -0.12 -1.81
N LEU A 442 -3.71 0.35 -0.74
CA LEU A 442 -2.48 1.13 -0.85
C LEU A 442 -1.49 0.68 0.21
N THR A 443 -0.18 0.82 -0.09
CA THR A 443 0.84 0.39 0.85
C THR A 443 0.84 1.19 2.15
N PRO A 444 0.77 2.52 2.17
CA PRO A 444 0.74 3.24 3.46
C PRO A 444 -0.49 2.93 4.30
N VAL A 445 -1.62 2.55 3.68
CA VAL A 445 -2.77 2.14 4.47
C VAL A 445 -2.50 0.81 5.17
N ALA A 446 -1.90 -0.14 4.46
CA ALA A 446 -1.61 -1.44 5.05
C ALA A 446 -0.62 -1.32 6.21
N ILE A 447 0.39 -0.47 6.06
CA ILE A 447 1.38 -0.28 7.12
C ILE A 447 0.75 0.35 8.37
N GLN A 448 -0.03 1.43 8.19
CA GLN A 448 -0.71 2.05 9.33
C GLN A 448 -1.67 1.07 10.02
N ALA A 449 -2.44 0.31 9.24
CA ALA A 449 -3.37 -0.65 9.83
C ALA A 449 -2.63 -1.71 10.65
N GLY A 450 -1.54 -2.24 10.11
CA GLY A 450 -0.79 -3.27 10.81
C GLY A 450 -0.11 -2.73 12.07
N ARG A 451 0.51 -1.56 11.98
CA ARG A 451 1.18 -0.99 13.14
C ARG A 451 0.18 -0.66 14.26
N TYR A 452 -0.90 0.04 13.91
CA TYR A 452 -1.90 0.42 14.91
C TYR A 452 -2.54 -0.82 15.57
N LEU A 453 -2.85 -1.84 14.77
CA LEU A 453 -3.42 -3.08 15.31
C LEU A 453 -2.48 -3.76 16.32
N ALA A 454 -1.19 -3.89 15.96
CA ALA A 454 -0.23 -4.49 16.89
C ALA A 454 -0.20 -3.74 18.22
N ARG A 455 -0.35 -2.42 18.19
CA ARG A 455 -0.31 -1.64 19.43
C ARG A 455 -1.58 -1.86 20.25
N ARG A 456 -2.74 -2.05 19.60
CA ARG A 456 -3.95 -2.35 20.35
C ARG A 456 -3.87 -3.73 20.99
N LEU A 457 -3.32 -4.73 20.26
CA LEU A 457 -3.26 -6.08 20.81
C LEU A 457 -2.27 -6.18 21.96
N PHE A 458 -1.10 -5.58 21.84
CA PHE A 458 -0.02 -5.92 22.75
C PHE A 458 0.47 -4.77 23.61
N ALA A 459 -0.04 -3.55 23.44
CA ALA A 459 0.39 -2.45 24.28
C ALA A 459 -0.78 -1.61 24.82
N GLY A 460 -2.01 -2.11 24.71
CA GLY A 460 -3.16 -1.42 25.26
C GLY A 460 -3.55 -0.13 24.59
N ALA A 461 -3.11 0.11 23.36
CA ALA A 461 -3.52 1.30 22.62
C ALA A 461 -5.01 1.23 22.23
N THR A 462 -5.58 2.39 21.91
CA THR A 462 -6.97 2.48 21.48
C THR A 462 -7.16 3.06 20.08
N GLU A 463 -6.13 3.68 19.49
CA GLU A 463 -6.29 4.40 18.23
C GLU A 463 -6.62 3.46 17.09
N LEU A 464 -7.66 3.80 16.32
CA LEU A 464 -8.07 3.09 15.12
C LEU A 464 -7.43 3.75 13.90
N THR A 465 -7.31 2.98 12.81
CA THR A 465 -6.91 3.53 11.52
C THR A 465 -8.10 4.25 10.86
N ASP A 466 -7.84 5.45 10.32
CA ASP A 466 -8.85 6.26 9.65
C ASP A 466 -8.68 6.06 8.15
N TYR A 467 -9.67 5.43 7.51
CA TYR A 467 -9.61 5.11 6.10
C TYR A 467 -10.24 6.17 5.19
N SER A 468 -10.65 7.31 5.73
CA SER A 468 -11.36 8.31 4.93
C SER A 468 -10.41 9.33 4.30
N ASN A 469 -10.79 9.82 3.10
CA ASN A 469 -10.03 10.88 2.41
C ASN A 469 -8.53 10.59 2.30
N VAL A 470 -8.19 9.33 1.98
CA VAL A 470 -6.79 8.95 1.78
C VAL A 470 -6.33 9.40 0.39
N ALA A 471 -5.24 10.17 0.35
CA ALA A 471 -4.73 10.72 -0.90
C ALA A 471 -4.06 9.64 -1.75
N THR A 472 -4.02 9.89 -3.07
CA THR A 472 -3.45 8.96 -4.04
C THR A 472 -2.63 9.74 -5.07
N THR A 473 -1.73 9.04 -5.78
CA THR A 473 -1.10 9.61 -6.99
C THR A 473 -0.87 8.54 -8.03
N VAL A 474 -1.26 8.86 -9.27
CA VAL A 474 -1.05 7.99 -10.43
C VAL A 474 0.18 8.53 -11.17
N PHE A 475 1.21 7.68 -11.30
CA PHE A 475 2.50 8.10 -11.86
C PHE A 475 2.60 7.82 -13.37
N THR A 476 1.60 8.37 -14.08
CA THR A 476 1.61 8.46 -15.53
C THR A 476 2.66 9.49 -15.96
N PRO A 477 2.99 9.56 -17.27
CA PRO A 477 4.04 10.51 -17.72
C PRO A 477 3.83 11.94 -17.22
N LEU A 478 2.61 12.48 -17.33
CA LEU A 478 2.19 13.60 -16.50
C LEU A 478 1.36 13.04 -15.34
N GLU A 479 1.83 13.26 -14.12
CA GLU A 479 1.30 12.63 -12.90
C GLU A 479 -0.02 13.26 -12.44
N TYR A 480 -0.85 12.46 -11.75
CA TYR A 480 -2.19 12.91 -11.30
C TYR A 480 -2.36 12.60 -9.81
N GLY A 481 -2.48 13.66 -9.00
CA GLY A 481 -2.67 13.53 -7.56
C GLY A 481 -4.08 13.92 -7.17
N ALA A 482 -4.64 13.24 -6.16
CA ALA A 482 -6.01 13.48 -5.72
C ALA A 482 -6.18 13.19 -4.24
N CYS A 483 -7.11 13.91 -3.60
CA CYS A 483 -7.50 13.65 -2.21
C CYS A 483 -8.97 14.02 -2.03
N GLY A 484 -9.80 13.05 -1.65
CA GLY A 484 -11.22 13.30 -1.46
C GLY A 484 -12.09 12.87 -2.64
N LEU A 485 -13.25 13.51 -2.80
CA LEU A 485 -14.26 13.09 -3.76
C LEU A 485 -13.95 13.58 -5.17
N SER A 486 -14.27 12.76 -6.17
CA SER A 486 -14.32 13.28 -7.54
C SER A 486 -15.46 14.28 -7.67
N GLU A 487 -15.40 15.09 -8.72
CA GLU A 487 -16.45 16.09 -8.93
C GLU A 487 -17.81 15.42 -9.11
N GLU A 488 -17.87 14.37 -9.94
CA GLU A 488 -19.16 13.70 -10.19
C GLU A 488 -19.71 13.00 -8.94
N ASP A 489 -18.84 12.46 -8.06
CA ASP A 489 -19.34 11.88 -6.82
C ASP A 489 -19.91 12.95 -5.89
N ALA A 490 -19.24 14.11 -5.81
CA ALA A 490 -19.74 15.18 -4.96
C ALA A 490 -21.11 15.65 -5.42
N ILE A 491 -21.29 15.81 -6.74
CA ILE A 491 -22.57 16.28 -7.27
C ILE A 491 -23.66 15.25 -7.01
N GLU A 492 -23.35 13.96 -7.19
CA GLU A 492 -24.34 12.93 -6.91
C GLU A 492 -24.78 12.96 -5.44
N LYS A 493 -23.85 13.22 -4.52
CA LYS A 493 -24.17 13.15 -3.09
C LYS A 493 -24.96 14.38 -2.63
N TYR A 494 -24.65 15.56 -3.15
CA TYR A 494 -25.18 16.80 -2.59
C TYR A 494 -26.04 17.60 -3.57
N GLY A 495 -26.02 17.27 -4.86
CA GLY A 495 -26.74 18.04 -5.86
C GLY A 495 -25.90 19.13 -6.46
N ASP A 496 -26.09 19.38 -7.76
CA ASP A 496 -25.28 20.37 -8.48
C ASP A 496 -25.36 21.76 -7.85
N LYS A 497 -26.52 22.13 -7.31
CA LYS A 497 -26.70 23.48 -6.80
C LYS A 497 -25.86 23.75 -5.56
N ASP A 498 -25.48 22.70 -4.82
CA ASP A 498 -24.70 22.82 -3.61
C ASP A 498 -23.20 22.65 -3.83
N ILE A 499 -22.75 22.49 -5.09
CA ILE A 499 -21.34 22.24 -5.41
C ILE A 499 -20.77 23.43 -6.20
N GLU A 500 -19.63 23.94 -5.74
CA GLU A 500 -18.85 24.97 -6.43
C GLU A 500 -17.47 24.40 -6.74
N VAL A 501 -16.97 24.64 -7.95
CA VAL A 501 -15.68 24.10 -8.42
C VAL A 501 -14.81 25.28 -8.87
N TYR A 502 -13.69 25.49 -8.17
CA TYR A 502 -12.66 26.45 -8.57
C TYR A 502 -11.56 25.71 -9.33
N HIS A 503 -11.08 26.29 -10.44
CA HIS A 503 -10.11 25.57 -11.27
C HIS A 503 -9.24 26.54 -12.05
N SER A 504 -8.10 26.02 -12.54
CA SER A 504 -7.12 26.80 -13.31
C SER A 504 -6.18 25.86 -14.06
N ASN A 505 -5.78 26.27 -15.27
CA ASN A 505 -4.60 25.69 -15.89
C ASN A 505 -3.35 26.34 -15.29
N PHE A 506 -2.19 25.72 -15.53
CA PHE A 506 -0.94 26.35 -15.11
C PHE A 506 0.18 25.79 -15.95
N LYS A 507 1.34 26.44 -15.88
CA LYS A 507 2.52 26.03 -16.62
C LYS A 507 3.70 26.09 -15.65
N PRO A 508 4.39 24.98 -15.41
CA PRO A 508 5.59 25.04 -14.55
C PRO A 508 6.62 26.02 -15.12
N LEU A 509 7.28 26.76 -14.24
CA LEU A 509 8.34 27.65 -14.71
C LEU A 509 9.42 26.89 -15.50
N GLU A 510 9.72 25.65 -15.07
CA GLU A 510 10.69 24.81 -15.75
C GLU A 510 10.34 24.54 -17.20
N TRP A 511 9.05 24.60 -17.57
CA TRP A 511 8.63 24.31 -18.93
C TRP A 511 8.76 25.50 -19.87
N THR A 512 9.05 26.71 -19.36
CA THR A 512 9.04 27.88 -20.25
C THR A 512 10.23 27.88 -21.19
N VAL A 513 11.45 27.86 -20.65
CA VAL A 513 12.66 27.86 -21.48
C VAL A 513 12.78 26.56 -22.27
N ALA A 514 12.18 25.47 -21.78
CA ALA A 514 12.16 24.18 -22.47
C ALA A 514 11.10 24.09 -23.57
N HIS A 515 10.27 25.13 -23.74
CA HIS A 515 9.24 25.19 -24.80
C HIS A 515 8.22 24.05 -24.72
N ARG A 516 7.79 23.71 -23.50
CA ARG A 516 6.74 22.69 -23.35
C ARG A 516 5.36 23.36 -23.35
N GLU A 517 4.30 22.59 -23.10
CA GLU A 517 2.94 23.07 -23.38
C GLU A 517 2.41 24.09 -22.37
N ASP A 518 1.62 25.05 -22.88
CA ASP A 518 1.08 26.15 -22.09
C ASP A 518 -0.08 25.76 -21.17
N ASN A 519 -1.02 24.94 -21.66
CA ASN A 519 -2.29 24.73 -20.97
C ASN A 519 -2.63 23.25 -20.86
N VAL A 520 -1.70 22.43 -20.35
CA VAL A 520 -1.95 21.02 -20.13
C VAL A 520 -2.06 20.70 -18.65
N CYS A 521 -1.18 21.28 -17.81
CA CYS A 521 -1.33 21.10 -16.37
C CYS A 521 -2.59 21.82 -15.90
N TYR A 522 -3.25 21.24 -14.88
CA TYR A 522 -4.59 21.64 -14.48
C TYR A 522 -4.83 21.27 -13.02
N MET A 523 -5.56 22.12 -12.27
CA MET A 523 -5.97 21.75 -10.91
C MET A 523 -7.38 22.26 -10.63
N LYS A 524 -8.05 21.64 -9.66
CA LYS A 524 -9.36 22.11 -9.22
C LYS A 524 -9.64 21.73 -7.78
N LEU A 525 -10.49 22.53 -7.12
CA LEU A 525 -11.03 22.26 -5.79
C LEU A 525 -12.55 22.14 -5.90
N VAL A 526 -13.09 21.02 -5.43
CA VAL A 526 -14.52 20.71 -5.46
C VAL A 526 -15.07 21.00 -4.06
N CYS A 527 -15.97 21.99 -3.94
CA CYS A 527 -16.37 22.54 -2.65
C CYS A 527 -17.89 22.47 -2.43
N ARG A 528 -18.31 22.44 -1.15
CA ARG A 528 -19.73 22.38 -0.73
C ARG A 528 -20.20 23.75 -0.24
N LYS A 529 -21.13 24.36 -0.98
CA LYS A 529 -21.56 25.72 -0.66
C LYS A 529 -22.19 25.80 0.72
N SER A 530 -23.12 24.89 1.03
CA SER A 530 -23.88 24.97 2.27
C SER A 530 -23.09 24.57 3.51
N ASP A 531 -21.81 24.15 3.37
CA ASP A 531 -20.96 23.86 4.52
C ASP A 531 -19.72 24.76 4.50
N ASN A 532 -19.94 26.09 4.45
CA ASN A 532 -18.85 27.07 4.53
C ASN A 532 -17.81 26.86 3.42
N MET A 533 -18.24 26.35 2.26
CA MET A 533 -17.34 26.06 1.13
C MET A 533 -16.24 25.07 1.51
N ARG A 534 -16.64 24.02 2.23
CA ARG A 534 -15.74 22.92 2.58
C ARG A 534 -15.12 22.29 1.32
N VAL A 535 -13.82 22.05 1.37
CA VAL A 535 -13.15 21.37 0.26
C VAL A 535 -13.48 19.88 0.37
N LEU A 536 -14.31 19.37 -0.57
CA LEU A 536 -14.65 17.95 -0.65
C LEU A 536 -13.61 17.12 -1.41
N GLY A 537 -12.99 17.70 -2.44
CA GLY A 537 -11.96 17.00 -3.20
C GLY A 537 -10.95 17.96 -3.81
N LEU A 538 -9.69 17.54 -3.84
CA LEU A 538 -8.61 18.27 -4.51
C LEU A 538 -7.99 17.38 -5.58
N HIS A 539 -7.73 17.97 -6.77
CA HIS A 539 -7.20 17.26 -7.94
C HIS A 539 -6.11 18.09 -8.62
N VAL A 540 -4.98 17.46 -8.97
CA VAL A 540 -3.90 18.16 -9.70
C VAL A 540 -3.22 17.24 -10.71
N LEU A 541 -3.05 17.77 -11.93
CA LEU A 541 -2.34 17.10 -13.01
C LEU A 541 -1.10 17.94 -13.33
N GLY A 542 0.08 17.39 -13.05
CA GLY A 542 1.34 18.10 -13.27
C GLY A 542 2.57 17.37 -12.75
N PRO A 543 3.75 17.95 -12.95
CA PRO A 543 4.97 17.33 -12.41
C PRO A 543 4.93 17.27 -10.89
N ASN A 544 5.53 16.20 -10.34
CA ASN A 544 5.70 16.03 -8.89
C ASN A 544 4.37 16.07 -8.14
N ALA A 545 3.33 15.49 -8.76
CA ALA A 545 1.97 15.64 -8.23
C ALA A 545 1.81 15.00 -6.85
N GLY A 546 2.58 13.95 -6.54
CA GLY A 546 2.49 13.36 -5.22
C GLY A 546 3.10 14.24 -4.15
N GLU A 547 4.21 14.92 -4.46
CA GLU A 547 4.77 15.88 -3.52
C GLU A 547 3.82 17.04 -3.33
N ILE A 548 3.15 17.48 -4.40
CA ILE A 548 2.22 18.60 -4.29
C ILE A 548 1.07 18.23 -3.36
N THR A 549 0.47 17.06 -3.60
CA THR A 549 -0.81 16.71 -2.97
C THR A 549 -0.66 16.40 -1.47
N GLN A 550 0.48 15.81 -1.06
CA GLN A 550 0.56 15.16 0.25
C GLN A 550 0.22 16.10 1.40
N GLY A 551 0.83 17.30 1.42
CA GLY A 551 0.62 18.21 2.54
C GLY A 551 -0.84 18.65 2.66
N TYR A 552 -1.51 18.85 1.53
CA TYR A 552 -2.93 19.21 1.56
C TYR A 552 -3.80 18.12 2.18
N ALA A 553 -3.36 16.86 2.14
CA ALA A 553 -4.14 15.80 2.78
C ALA A 553 -4.35 16.06 4.26
N VAL A 554 -3.35 16.65 4.94
CA VAL A 554 -3.51 16.99 6.35
C VAL A 554 -4.59 18.06 6.51
N ALA A 555 -4.57 19.08 5.66
CA ALA A 555 -5.55 20.16 5.80
C ALA A 555 -6.97 19.63 5.56
N ILE A 556 -7.13 18.76 4.57
CA ILE A 556 -8.45 18.20 4.29
C ILE A 556 -8.92 17.31 5.45
N LYS A 557 -8.02 16.52 6.02
CA LYS A 557 -8.36 15.73 7.20
C LYS A 557 -8.89 16.63 8.33
N MET A 558 -8.34 17.85 8.43
CA MET A 558 -8.76 18.82 9.44
C MET A 558 -10.00 19.62 9.05
N GLY A 559 -10.61 19.36 7.88
CA GLY A 559 -11.80 20.10 7.48
C GLY A 559 -11.57 21.43 6.79
N ALA A 560 -10.52 21.53 5.96
CA ALA A 560 -10.21 22.80 5.30
C ALA A 560 -11.36 23.29 4.41
N THR A 561 -11.53 24.61 4.36
CA THR A 561 -12.49 25.31 3.50
C THR A 561 -11.76 26.12 2.45
N LYS A 562 -12.51 26.61 1.44
CA LYS A 562 -11.90 27.52 0.47
C LYS A 562 -11.21 28.69 1.17
N ALA A 563 -11.83 29.21 2.26
CA ALA A 563 -11.25 30.34 2.97
C ALA A 563 -9.89 30.00 3.58
N ASP A 564 -9.71 28.76 4.05
CA ASP A 564 -8.39 28.38 4.56
C ASP A 564 -7.34 28.40 3.45
N PHE A 565 -7.69 27.93 2.24
CA PHE A 565 -6.76 28.02 1.12
C PHE A 565 -6.46 29.47 0.77
N ASP A 566 -7.48 30.33 0.81
CA ASP A 566 -7.30 31.74 0.45
C ASP A 566 -6.38 32.49 1.42
N ARG A 567 -6.54 32.26 2.73
CA ARG A 567 -5.75 33.04 3.69
C ARG A 567 -4.31 32.56 3.80
N THR A 568 -4.00 31.35 3.35
CA THR A 568 -2.63 30.85 3.34
C THR A 568 -1.88 31.42 2.13
N ILE A 569 -0.62 31.85 2.34
CA ILE A 569 0.18 32.49 1.29
C ILE A 569 0.98 31.45 0.50
N GLY A 570 1.18 31.72 -0.79
CA GLY A 570 1.94 30.81 -1.63
C GLY A 570 3.45 30.93 -1.44
N ILE A 571 4.15 29.84 -1.81
CA ILE A 571 5.61 29.80 -2.01
C ILE A 571 5.89 29.97 -3.50
N HIS A 572 6.76 30.93 -3.85
CA HIS A 572 7.02 31.29 -5.25
C HIS A 572 8.52 31.13 -5.56
N PRO A 573 8.88 30.54 -6.73
CA PRO A 573 8.01 29.98 -7.79
C PRO A 573 7.78 28.47 -7.59
N THR A 574 6.52 28.02 -7.49
CA THR A 574 6.21 26.59 -7.40
C THR A 574 4.96 26.31 -8.22
N CYS A 575 4.74 25.02 -8.52
CA CYS A 575 3.45 24.63 -9.08
C CYS A 575 2.36 24.67 -8.03
N SER A 576 2.68 24.19 -6.81
CA SER A 576 1.68 24.01 -5.76
C SER A 576 0.99 25.33 -5.36
N GLU A 577 1.69 26.46 -5.47
CA GLU A 577 1.13 27.74 -5.03
C GLU A 577 -0.13 28.12 -5.78
N THR A 578 -0.38 27.56 -6.95
CA THR A 578 -1.60 27.90 -7.69
C THR A 578 -2.85 27.54 -6.88
N PHE A 579 -2.76 26.60 -5.95
CA PHE A 579 -3.91 26.29 -5.11
C PHE A 579 -4.31 27.44 -4.18
N THR A 580 -3.38 28.35 -3.84
CA THR A 580 -3.64 29.38 -2.84
C THR A 580 -4.33 30.61 -3.41
N THR A 581 -4.50 30.69 -4.74
CA THR A 581 -5.09 31.86 -5.38
C THR A 581 -6.21 31.51 -6.38
N LEU A 582 -6.81 30.32 -6.28
CA LEU A 582 -7.86 29.96 -7.23
C LEU A 582 -9.08 30.87 -7.09
N HIS A 583 -9.72 31.18 -8.23
CA HIS A 583 -10.83 32.13 -8.25
C HIS A 583 -11.86 31.90 -9.37
N VAL A 584 -11.47 31.30 -10.50
CA VAL A 584 -12.41 31.05 -11.60
C VAL A 584 -13.30 29.87 -11.24
N THR A 585 -14.63 30.06 -11.29
CA THR A 585 -15.57 28.98 -11.02
C THR A 585 -16.05 28.36 -12.33
N LYS A 586 -16.40 27.07 -12.27
CA LYS A 586 -16.99 26.42 -13.44
C LYS A 586 -18.34 27.04 -13.80
N LYS A 587 -19.18 27.38 -12.82
CA LYS A 587 -20.45 28.05 -13.13
C LYS A 587 -20.30 29.36 -13.88
N SER A 588 -19.23 30.11 -13.62
CA SER A 588 -19.07 31.38 -14.30
C SER A 588 -18.89 31.23 -15.81
N GLY A 589 -18.40 30.07 -16.27
CA GLY A 589 -18.06 29.88 -17.66
C GLY A 589 -16.78 30.54 -18.12
N VAL A 590 -16.08 31.27 -17.24
CA VAL A 590 -14.83 31.93 -17.61
C VAL A 590 -13.76 30.87 -17.90
N SER A 591 -12.93 31.14 -18.91
CA SER A 591 -11.91 30.16 -19.30
C SER A 591 -10.88 29.97 -18.18
N PRO A 592 -10.39 28.74 -17.96
CA PRO A 592 -9.31 28.54 -16.98
C PRO A 592 -7.90 28.69 -17.52
N ILE A 593 -7.72 29.06 -18.81
CA ILE A 593 -6.38 29.05 -19.40
C ILE A 593 -5.52 30.15 -18.79
N VAL A 594 -4.21 30.00 -18.97
CA VAL A 594 -3.22 30.91 -18.37
C VAL A 594 -3.30 32.30 -19.00
#